data_3T64
#
_entry.id   3T64
#
_cell.length_a   77.010
_cell.length_b   77.010
_cell.length_c   106.280
_cell.angle_alpha   90.00
_cell.angle_beta   90.00
_cell.angle_gamma   90.00
#
_symmetry.space_group_name_H-M   'P 41'
#
loop_
_entity.id
_entity.type
_entity.pdbx_description
1 polymer "Deoxyuridine 5'-triphosphate nucleotidohydrolase, putative"
2 polymer "5'-(BENZHYDRYLAMINO)-2',5'-DIDEOXYURIDINE"
3 non-polymer "2',5'-dideoxy-5'-[(diphenylmethyl)amino]uridine"
4 non-polymer 'SULFATE ION'
5 water water
#
loop_
_entity_poly.entity_id
_entity_poly.type
_entity_poly.pdbx_seq_one_letter_code
_entity_poly.pdbx_strand_id
1 'polypeptide(L)'
;MHLKIVCLSDEVREMYKNHKTHHEGDSGLDLFIVKDEVLKPKSTTFVKLGIKAIALQYKSNYYYKCEKSENKKKDDDKSN
IVNTSFLLFPRSSISKTPLRLANSIGLIDAGYRGEIIAALDNTSDQEYHIKKNDKLVQLVSFTGEPLSFELVEELDETSR
GEGGFGSTSNNKYEAHHHHHH
;
A,B,C
2 'polypeptide(L)' AHA F
#
# COMPACT_ATOMS: atom_id res chain seq x y z
N MET A 1 1.99 -0.56 17.25
CA MET A 1 2.07 -2.02 16.89
CA MET A 1 2.07 -2.01 16.92
C MET A 1 3.42 -2.55 17.33
N HIS A 2 3.43 -3.75 17.90
CA HIS A 2 4.66 -4.35 18.39
C HIS A 2 4.92 -5.65 17.65
N LEU A 3 6.10 -5.76 17.03
CA LEU A 3 6.48 -6.96 16.32
C LEU A 3 7.32 -7.91 17.18
N LYS A 4 6.95 -9.18 17.18
CA LYS A 4 7.83 -10.22 17.76
C LYS A 4 8.46 -10.98 16.60
N ILE A 5 9.79 -10.92 16.53
CA ILE A 5 10.51 -11.42 15.36
C ILE A 5 11.42 -12.58 15.73
N VAL A 6 11.26 -13.68 15.01
CA VAL A 6 12.17 -14.82 15.14
C VAL A 6 13.20 -14.75 14.01
N CYS A 7 14.47 -14.64 14.37
CA CYS A 7 15.56 -14.68 13.40
C CYS A 7 15.95 -16.13 13.11
N LEU A 8 16.09 -16.47 11.83
CA LEU A 8 16.20 -17.89 11.44
C LEU A 8 17.64 -18.39 11.39
N SER A 9 18.57 -17.51 11.72
CA SER A 9 19.98 -17.86 11.90
C SER A 9 20.69 -16.87 12.82
N ASP A 10 21.84 -17.28 13.36
CA ASP A 10 22.64 -16.37 14.16
C ASP A 10 23.10 -15.13 13.42
N GLU A 11 23.43 -15.29 12.14
CA GLU A 11 23.82 -14.16 11.31
C GLU A 11 22.69 -13.13 11.25
N VAL A 12 21.46 -13.62 11.05
CA VAL A 12 20.29 -12.71 11.01
C VAL A 12 20.04 -12.05 12.36
N ARG A 13 20.18 -12.82 13.45
CA ARG A 13 20.04 -12.25 14.81
CA ARG A 13 20.03 -12.24 14.80
C ARG A 13 21.00 -11.08 15.01
N GLU A 14 22.25 -11.24 14.58
CA GLU A 14 23.23 -10.18 14.75
C GLU A 14 22.82 -8.89 14.02
N MET A 15 22.23 -9.03 12.83
CA MET A 15 21.73 -7.88 12.07
C MET A 15 20.65 -7.12 12.82
N TYR A 16 19.68 -7.84 13.39
CA TYR A 16 18.56 -7.19 14.06
C TYR A 16 18.88 -6.67 15.47
N LYS A 17 19.88 -7.27 16.11
CA LYS A 17 20.34 -6.75 17.40
C LYS A 17 20.94 -5.36 17.25
N ASN A 18 21.61 -5.13 16.10
CA ASN A 18 22.24 -3.85 15.79
C ASN A 18 21.55 -3.10 14.66
N HIS A 19 20.22 -3.10 14.70
CA HIS A 19 19.42 -2.43 13.69
C HIS A 19 19.70 -0.95 13.67
N LYS A 20 20.24 -0.43 12.59
CA LYS A 20 20.73 0.92 12.61
C LYS A 20 19.78 1.99 12.15
N THR A 21 18.63 1.61 11.60
CA THR A 21 17.73 2.59 11.05
C THR A 21 16.35 2.59 11.64
N HIS A 22 16.17 1.97 12.77
CA HIS A 22 14.88 2.01 13.44
C HIS A 22 14.92 2.98 14.62
N HIS A 23 14.05 3.97 14.58
CA HIS A 23 13.95 4.95 15.67
C HIS A 23 12.54 4.95 16.24
N GLU A 24 12.44 5.33 17.52
CA GLU A 24 11.16 5.50 18.18
C GLU A 24 10.27 6.42 17.34
N GLY A 25 9.03 6.00 17.14
CA GLY A 25 8.07 6.80 16.38
C GLY A 25 7.83 6.32 14.94
N ASP A 26 8.79 5.61 14.35
CA ASP A 26 8.73 5.25 12.92
C ASP A 26 7.54 4.33 12.62
N SER A 27 6.84 4.61 11.52
CA SER A 27 5.72 3.80 11.05
C SER A 27 6.16 2.59 10.24
N GLY A 28 7.41 2.58 9.82
CA GLY A 28 7.92 1.41 9.10
C GLY A 28 9.16 0.85 9.72
N LEU A 29 9.29 -0.47 9.71
CA LEU A 29 10.50 -1.15 10.17
C LEU A 29 11.23 -1.73 8.99
N ASP A 30 12.41 -1.17 8.70
CA ASP A 30 13.20 -1.71 7.57
C ASP A 30 13.58 -3.17 7.81
N LEU A 31 13.44 -4.00 6.77
CA LEU A 31 13.93 -5.38 6.83
C LEU A 31 15.16 -5.53 5.95
N PHE A 32 16.09 -6.35 6.40
CA PHE A 32 17.33 -6.53 5.64
C PHE A 32 17.27 -7.63 4.62
N ILE A 33 17.96 -7.41 3.50
CA ILE A 33 18.45 -8.55 2.70
C ILE A 33 19.50 -9.29 3.56
N VAL A 34 19.39 -10.60 3.68
CA VAL A 34 20.25 -11.31 4.64
C VAL A 34 21.37 -12.14 4.00
N LYS A 35 21.39 -12.22 2.68
CA LYS A 35 22.37 -13.03 1.93
C LYS A 35 22.58 -12.39 0.57
N ASP A 36 23.84 -12.30 0.15
CA ASP A 36 24.14 -11.86 -1.23
C ASP A 36 23.45 -12.79 -2.21
N GLU A 37 22.80 -12.20 -3.22
CA GLU A 37 22.04 -12.98 -4.18
C GLU A 37 22.02 -12.27 -5.53
N VAL A 38 22.06 -13.05 -6.63
CA VAL A 38 21.95 -12.49 -7.97
C VAL A 38 20.55 -12.72 -8.50
N LEU A 39 19.86 -11.63 -8.83
CA LEU A 39 18.54 -11.73 -9.39
C LEU A 39 18.60 -11.73 -10.91
N LYS A 40 18.05 -12.78 -11.52
CA LYS A 40 18.07 -12.91 -12.98
C LYS A 40 17.37 -11.75 -13.69
N PRO A 41 17.84 -11.38 -14.89
CA PRO A 41 17.17 -10.30 -15.61
C PRO A 41 15.73 -10.66 -15.94
N LYS A 42 14.87 -9.65 -15.94
CA LYS A 42 13.45 -9.77 -16.32
C LYS A 42 12.79 -10.96 -15.66
N SER A 43 12.95 -11.06 -14.34
CA SER A 43 12.47 -12.23 -13.61
C SER A 43 11.85 -11.82 -12.30
N THR A 44 11.09 -12.74 -11.73
CA THR A 44 10.53 -12.58 -10.39
C THR A 44 11.30 -13.52 -9.48
N THR A 45 11.83 -13.00 -8.37
CA THR A 45 12.60 -13.84 -7.42
C THR A 45 11.91 -13.74 -6.06
N PHE A 46 11.68 -14.90 -5.42
CA PHE A 46 11.07 -14.91 -4.08
C PHE A 46 12.20 -14.91 -3.06
N VAL A 47 12.53 -13.71 -2.60
CA VAL A 47 13.68 -13.48 -1.74
C VAL A 47 13.33 -13.72 -0.28
N LYS A 48 14.02 -14.69 0.32
CA LYS A 48 13.76 -15.05 1.71
C LYS A 48 14.43 -14.05 2.65
N LEU A 49 13.68 -13.52 3.61
CA LEU A 49 14.23 -12.48 4.49
C LEU A 49 14.76 -12.99 5.85
N GLY A 50 14.71 -14.30 6.06
CA GLY A 50 15.45 -14.89 7.19
C GLY A 50 14.81 -14.63 8.54
N ILE A 51 13.54 -14.22 8.51
CA ILE A 51 12.76 -13.95 9.73
C ILE A 51 11.33 -14.46 9.62
N LYS A 52 10.73 -14.67 10.79
CA LYS A 52 9.31 -14.90 10.92
C LYS A 52 8.85 -13.84 11.92
N ALA A 53 7.62 -13.39 11.80
CA ALA A 53 7.10 -12.35 12.70
C ALA A 53 5.62 -12.41 12.97
N ILE A 54 5.25 -11.97 14.17
CA ILE A 54 3.85 -11.68 14.48
C ILE A 54 3.75 -10.22 14.91
N ALA A 55 2.60 -9.63 14.66
CA ALA A 55 2.33 -8.27 15.05
C ALA A 55 1.26 -8.24 16.12
N LEU A 56 1.46 -7.40 17.11
CA LEU A 56 0.51 -7.27 18.23
C LEU A 56 -0.04 -5.86 18.29
N GLN A 57 -1.36 -5.76 18.46
CA GLN A 57 -2.04 -4.47 18.58
C GLN A 57 -3.12 -4.59 19.66
N TYR A 58 -3.64 -3.49 20.12
CA TYR A 58 -4.74 -3.54 21.07
C TYR A 58 -6.00 -4.04 20.34
N LYS A 59 -6.82 -4.86 20.98
CA LYS A 59 -8.08 -5.34 20.41
C LYS A 59 -8.98 -4.14 20.10
N SER A 60 -9.79 -4.20 19.07
CA SER A 60 -10.68 -3.30 18.72
CA SER A 60 -10.67 -3.29 18.72
C SER A 60 -11.98 -3.93 18.42
N ASN A 61 -13.11 -3.30 18.67
CA ASN A 61 -14.40 -3.80 18.23
C ASN A 61 -14.58 -3.41 16.77
N TYR A 62 -14.99 -4.36 15.95
CA TYR A 62 -15.19 -4.08 14.52
C TYR A 62 -16.50 -4.70 14.09
N TYR A 63 -17.08 -4.13 13.04
CA TYR A 63 -18.38 -4.60 12.56
C TYR A 63 -18.21 -5.81 11.65
N TYR A 64 -18.89 -6.89 11.98
CA TYR A 64 -18.71 -8.19 11.32
C TYR A 64 -20.02 -8.99 11.44
N LYS A 65 -20.54 -9.48 10.32
CA LYS A 65 -21.87 -10.12 10.26
C LYS A 65 -21.89 -11.38 9.37
N ASN A 80 -6.53 -8.36 26.00
CA ASN A 80 -6.21 -6.95 25.73
C ASN A 80 -5.45 -6.70 24.40
N ILE A 81 -4.46 -7.56 24.16
CA ILE A 81 -3.54 -7.43 23.04
C ILE A 81 -3.80 -8.64 22.17
N VAL A 82 -3.83 -8.45 20.86
CA VAL A 82 -4.13 -9.54 19.94
C VAL A 82 -3.16 -9.52 18.75
N ASN A 83 -2.88 -10.71 18.22
CA ASN A 83 -2.14 -10.92 16.97
C ASN A 83 -2.95 -10.30 15.85
N THR A 84 -2.30 -9.52 14.97
CA THR A 84 -3.02 -8.92 13.88
C THR A 84 -2.28 -9.09 12.56
N SER A 85 -3.01 -8.90 11.46
CA SER A 85 -2.35 -8.85 10.15
CA SER A 85 -2.36 -8.84 10.14
C SER A 85 -1.48 -7.61 10.05
N PHE A 86 -0.53 -7.62 9.13
CA PHE A 86 0.32 -6.43 8.93
C PHE A 86 0.78 -6.40 7.49
N LEU A 87 1.54 -5.35 7.13
CA LEU A 87 1.83 -5.10 5.71
C LEU A 87 3.31 -5.10 5.41
N LEU A 88 3.63 -5.53 4.18
CA LEU A 88 5.00 -5.44 3.71
C LEU A 88 5.04 -4.40 2.56
N PHE A 89 5.67 -3.26 2.80
CA PHE A 89 5.77 -2.17 1.82
C PHE A 89 7.16 -2.19 1.20
N PRO A 90 7.27 -1.78 -0.08
CA PRO A 90 8.58 -1.39 -0.55
C PRO A 90 9.08 -0.18 0.23
N ARG A 91 10.39 -0.06 0.41
CA ARG A 91 10.95 1.22 0.85
C ARG A 91 10.96 2.22 -0.31
N SER A 92 10.88 3.51 -0.02
CA SER A 92 10.88 4.49 -1.12
C SER A 92 12.19 4.35 -1.91
N SER A 93 13.26 3.99 -1.23
CA SER A 93 14.55 3.88 -1.92
C SER A 93 14.64 2.71 -2.92
N ILE A 94 13.65 1.81 -2.93
CA ILE A 94 13.63 0.79 -3.97
C ILE A 94 13.51 1.44 -5.34
N SER A 95 12.99 2.66 -5.37
CA SER A 95 12.65 3.32 -6.64
C SER A 95 13.87 3.60 -7.49
N LYS A 96 15.02 3.79 -6.84
CA LYS A 96 16.23 4.05 -7.63
C LYS A 96 16.80 2.79 -8.26
N THR A 97 16.35 1.62 -7.82
CA THR A 97 16.76 0.35 -8.40
C THR A 97 15.79 -0.07 -9.53
N PRO A 98 16.10 -1.15 -10.29
CA PRO A 98 15.11 -1.70 -11.22
C PRO A 98 14.18 -2.72 -10.58
N LEU A 99 14.25 -2.88 -9.25
CA LEU A 99 13.45 -3.92 -8.57
C LEU A 99 12.11 -3.38 -8.11
N ARG A 100 11.06 -4.17 -8.31
CA ARG A 100 9.71 -3.72 -7.94
C ARG A 100 9.02 -4.85 -7.17
N LEU A 101 8.16 -4.53 -6.20
CA LEU A 101 7.46 -5.57 -5.46
C LEU A 101 6.29 -6.11 -6.30
N ALA A 102 6.38 -7.40 -6.62
CA ALA A 102 5.46 -8.00 -7.60
C ALA A 102 4.00 -7.87 -7.17
N ASN A 103 3.72 -8.12 -5.88
CA ASN A 103 2.35 -8.05 -5.38
C ASN A 103 1.93 -6.68 -4.82
N SER A 104 2.73 -5.66 -5.18
CA SER A 104 2.48 -4.24 -4.83
CA SER A 104 2.52 -4.26 -4.83
C SER A 104 2.76 -3.97 -3.35
N ILE A 105 1.90 -4.52 -2.49
CA ILE A 105 2.04 -4.42 -1.02
C ILE A 105 1.68 -5.81 -0.50
N GLY A 106 2.50 -6.36 0.38
CA GLY A 106 2.28 -7.74 0.89
C GLY A 106 1.36 -7.66 2.08
N LEU A 107 0.41 -8.59 2.13
CA LEU A 107 -0.52 -8.66 3.24
C LEU A 107 -0.19 -9.93 4.01
N ILE A 108 0.27 -9.75 5.24
CA ILE A 108 0.68 -10.89 6.07
C ILE A 108 -0.47 -11.13 7.04
N ASP A 109 -1.21 -12.21 6.88
CA ASP A 109 -2.36 -12.44 7.77
C ASP A 109 -1.89 -12.81 9.17
N ALA A 110 -2.74 -12.53 10.16
CA ALA A 110 -2.43 -12.76 11.59
C ALA A 110 -1.91 -14.16 11.93
N GLY A 111 -2.36 -15.17 11.19
CA GLY A 111 -1.99 -16.58 11.43
C GLY A 111 -0.75 -17.13 10.71
N TYR A 112 -0.08 -16.30 9.91
CA TYR A 112 1.05 -16.76 9.13
C TYR A 112 2.27 -16.95 10.04
N ARG A 113 2.87 -18.11 9.95
CA ARG A 113 4.05 -18.44 10.73
C ARG A 113 5.22 -18.78 9.82
N GLY A 114 5.07 -18.59 8.52
CA GLY A 114 6.18 -18.91 7.63
C GLY A 114 7.21 -17.78 7.55
N GLU A 115 8.31 -18.05 6.86
CA GLU A 115 9.33 -17.03 6.62
C GLU A 115 8.75 -15.88 5.79
N ILE A 116 9.14 -14.65 6.11
CA ILE A 116 8.69 -13.50 5.34
CA ILE A 116 8.73 -13.46 5.37
C ILE A 116 9.53 -13.42 4.06
N ILE A 117 8.82 -13.28 2.95
CA ILE A 117 9.43 -13.30 1.62
C ILE A 117 9.06 -12.02 0.87
N ALA A 118 10.02 -11.46 0.13
CA ALA A 118 9.73 -10.34 -0.80
C ALA A 118 9.81 -10.86 -2.24
N ALA A 119 8.70 -10.78 -2.96
CA ALA A 119 8.67 -11.19 -4.37
C ALA A 119 9.11 -10.00 -5.21
N LEU A 120 10.35 -10.05 -5.69
CA LEU A 120 10.98 -8.89 -6.35
C LEU A 120 11.08 -9.15 -7.85
N ASP A 121 10.49 -8.25 -8.61
CA ASP A 121 10.59 -8.25 -10.07
C ASP A 121 11.85 -7.49 -10.42
N ASN A 122 12.74 -8.09 -11.21
CA ASN A 122 13.89 -7.36 -11.72
C ASN A 122 13.49 -6.90 -13.13
N THR A 123 13.22 -5.61 -13.27
CA THR A 123 12.74 -5.05 -14.54
C THR A 123 13.87 -4.83 -15.54
N SER A 124 15.12 -5.02 -15.09
CA SER A 124 16.32 -4.79 -15.93
C SER A 124 16.63 -5.99 -16.82
N ASP A 125 17.31 -5.73 -17.93
CA ASP A 125 17.81 -6.82 -18.73
C ASP A 125 19.20 -7.28 -18.28
N GLN A 126 19.72 -6.70 -17.22
CA GLN A 126 20.90 -7.21 -16.57
C GLN A 126 20.63 -7.89 -15.22
N GLU A 127 21.46 -8.83 -14.84
CA GLU A 127 21.42 -9.39 -13.52
C GLU A 127 21.54 -8.30 -12.49
N TYR A 128 20.84 -8.46 -11.40
CA TYR A 128 20.93 -7.48 -10.32
C TYR A 128 21.50 -8.08 -9.04
N HIS A 129 22.56 -7.51 -8.50
CA HIS A 129 23.16 -8.01 -7.26
C HIS A 129 22.55 -7.35 -6.03
N ILE A 130 21.82 -8.10 -5.21
CA ILE A 130 21.48 -7.63 -3.89
C ILE A 130 22.46 -8.15 -2.85
N LYS A 131 22.71 -7.35 -1.85
CA LYS A 131 23.73 -7.60 -0.88
C LYS A 131 23.19 -7.66 0.51
N LYS A 132 23.71 -8.57 1.30
CA LYS A 132 23.45 -8.57 2.71
C LYS A 132 23.58 -7.18 3.25
N ASN A 133 22.65 -6.80 4.08
CA ASN A 133 22.48 -5.44 4.64
C ASN A 133 21.70 -4.44 3.78
N ASP A 134 21.48 -4.71 2.49
CA ASP A 134 20.57 -3.87 1.69
C ASP A 134 19.20 -3.84 2.36
N LYS A 135 18.48 -2.73 2.19
CA LYS A 135 17.13 -2.60 2.76
C LYS A 135 16.19 -2.16 1.65
N LEU A 136 15.32 -3.07 1.24
CA LEU A 136 14.44 -2.81 0.11
C LEU A 136 12.99 -2.75 0.48
N VAL A 137 12.64 -3.36 1.62
CA VAL A 137 11.24 -3.47 2.05
C VAL A 137 11.13 -3.15 3.55
N GLN A 138 9.91 -2.90 4.02
CA GLN A 138 9.70 -2.56 5.42
C GLN A 138 8.37 -3.12 5.86
N LEU A 139 8.24 -3.42 7.16
CA LEU A 139 6.96 -3.79 7.71
C LEU A 139 6.19 -2.57 8.21
N VAL A 140 4.87 -2.61 8.07
CA VAL A 140 4.02 -1.45 8.41
C VAL A 140 2.73 -1.95 9.04
N SER A 141 2.21 -1.19 9.99
CA SER A 141 0.91 -1.49 10.57
C SER A 141 -0.22 -1.03 9.66
N PHE A 142 -1.33 -1.76 9.67
CA PHE A 142 -2.53 -1.28 9.00
C PHE A 142 -2.96 0.13 9.44
N THR A 143 -2.70 0.50 10.68
CA THR A 143 -3.09 1.85 11.13
C THR A 143 -2.03 2.92 10.87
N GLY A 144 -0.84 2.51 10.44
CA GLY A 144 0.28 3.43 10.30
C GLY A 144 0.88 3.94 11.61
N GLU A 145 0.50 3.30 12.71
CA GLU A 145 0.99 3.69 14.04
C GLU A 145 2.48 3.35 14.19
N PRO A 146 3.18 4.04 15.12
CA PRO A 146 4.55 3.71 15.42
C PRO A 146 4.76 2.22 15.71
N LEU A 147 5.92 1.72 15.31
CA LEU A 147 6.27 0.31 15.51
C LEU A 147 7.38 0.13 16.51
N SER A 148 7.19 -0.85 17.37
CA SER A 148 8.31 -1.37 18.16
C SER A 148 8.53 -2.84 17.77
N PHE A 149 9.68 -3.39 18.12
CA PHE A 149 9.93 -4.80 17.89
C PHE A 149 10.83 -5.40 18.96
N GLU A 150 10.79 -6.72 19.07
CA GLU A 150 11.73 -7.43 19.92
C GLU A 150 12.04 -8.74 19.25
N LEU A 151 13.19 -9.32 19.60
CA LEU A 151 13.58 -10.60 19.06
C LEU A 151 13.16 -11.70 20.02
N VAL A 152 12.51 -12.71 19.48
CA VAL A 152 12.06 -13.85 20.28
C VAL A 152 12.54 -15.18 19.67
N GLU A 153 12.45 -16.28 20.45
CA GLU A 153 12.89 -17.57 19.96
C GLU A 153 11.80 -18.34 19.21
N GLU A 154 10.55 -18.00 19.50
CA GLU A 154 9.40 -18.66 18.86
C GLU A 154 8.24 -17.70 18.80
N LEU A 155 7.37 -17.92 17.79
CA LEU A 155 6.15 -17.14 17.69
C LEU A 155 5.02 -17.74 18.49
N ASP A 156 5.01 -19.07 18.56
CA ASP A 156 4.00 -19.81 19.30
C ASP A 156 4.53 -21.21 19.56
N GLU A 157 3.66 -22.10 20.02
CA GLU A 157 4.07 -23.44 20.42
C GLU A 157 4.28 -24.41 19.24
N THR A 158 3.90 -24.00 18.03
CA THR A 158 3.91 -24.92 16.88
C THR A 158 5.29 -24.99 16.27
N SER A 159 5.56 -26.09 15.56
CA SER A 159 6.86 -26.24 14.95
CA SER A 159 6.84 -26.28 14.90
C SER A 159 7.09 -25.17 13.87
N ARG A 160 6.06 -24.83 13.10
CA ARG A 160 6.23 -23.74 12.11
C ARG A 160 6.51 -22.42 12.81
N GLY A 161 5.91 -22.24 13.99
CA GLY A 161 6.22 -21.09 14.83
C GLY A 161 7.58 -21.12 15.53
N GLU A 162 8.35 -22.19 15.30
CA GLU A 162 9.69 -22.40 15.82
C GLU A 162 9.69 -22.72 17.31
N GLY A 163 8.52 -23.07 17.82
CA GLY A 163 8.37 -23.35 19.26
C GLY A 163 8.13 -24.82 19.58
N GLY A 164 7.80 -25.07 20.85
CA GLY A 164 7.42 -26.39 21.31
C GLY A 164 8.56 -27.35 21.51
N PHE A 165 8.16 -28.57 21.90
CA PHE A 165 9.08 -29.64 22.23
C PHE A 165 9.93 -30.00 21.04
N GLY A 166 11.21 -30.25 21.29
CA GLY A 166 11.96 -31.18 20.45
C GLY A 166 12.67 -30.52 19.32
N SER A 167 13.35 -31.37 18.53
CA SER A 167 14.42 -30.94 17.62
C SER A 167 14.10 -29.78 16.68
N MET B 1 -15.28 -5.41 9.24
CA MET B 1 -15.89 -4.78 8.04
CA MET B 1 -15.91 -4.77 8.06
C MET B 1 -16.82 -5.78 7.36
N HIS B 2 -17.99 -5.32 6.96
CA HIS B 2 -19.00 -6.17 6.32
C HIS B 2 -19.31 -5.63 4.96
N LEU B 3 -19.16 -6.48 3.95
CA LEU B 3 -19.50 -6.12 2.58
C LEU B 3 -20.87 -6.60 2.15
N LYS B 4 -21.61 -5.71 1.51
CA LYS B 4 -22.81 -6.08 0.79
C LYS B 4 -22.49 -6.09 -0.71
N ILE B 5 -22.64 -7.26 -1.32
CA ILE B 5 -22.17 -7.48 -2.68
C ILE B 5 -23.34 -7.79 -3.61
N VAL B 6 -23.48 -7.00 -4.66
CA VAL B 6 -24.42 -7.29 -5.74
C VAL B 6 -23.69 -8.03 -6.85
N CYS B 7 -24.12 -9.26 -7.11
CA CYS B 7 -23.61 -10.01 -8.26
C CYS B 7 -24.41 -9.60 -9.48
N LEU B 8 -23.70 -9.36 -10.58
CA LEU B 8 -24.32 -8.76 -11.76
C LEU B 8 -24.88 -9.78 -12.75
N SER B 9 -24.73 -11.05 -12.41
CA SER B 9 -25.33 -12.16 -13.17
C SER B 9 -25.51 -13.35 -12.24
N ASP B 10 -26.38 -14.28 -12.63
CA ASP B 10 -26.61 -15.48 -11.82
C ASP B 10 -25.42 -16.42 -11.78
N GLU B 11 -24.62 -16.42 -12.85
CA GLU B 11 -23.38 -17.19 -12.89
C GLU B 11 -22.42 -16.71 -11.79
N VAL B 12 -22.36 -15.40 -11.62
CA VAL B 12 -21.52 -14.80 -10.58
C VAL B 12 -22.07 -15.05 -9.17
N ARG B 13 -23.36 -14.88 -9.00
CA ARG B 13 -24.01 -15.22 -7.74
C ARG B 13 -23.65 -16.61 -7.27
N GLU B 14 -23.65 -17.55 -8.19
CA GLU B 14 -23.31 -18.92 -7.94
C GLU B 14 -21.91 -19.08 -7.39
N MET B 15 -20.98 -18.34 -7.94
CA MET B 15 -19.58 -18.38 -7.51
C MET B 15 -19.41 -17.91 -6.07
N TYR B 16 -20.12 -16.85 -5.70
CA TYR B 16 -20.01 -16.26 -4.37
C TYR B 16 -20.83 -16.95 -3.27
N LYS B 17 -21.90 -17.64 -3.68
CA LYS B 17 -22.64 -18.48 -2.76
C LYS B 17 -21.73 -19.61 -2.32
N ASN B 18 -20.96 -20.17 -3.24
CA ASN B 18 -20.06 -21.22 -2.83
C ASN B 18 -18.60 -20.82 -2.58
N HIS B 19 -18.42 -19.65 -2.01
CA HIS B 19 -17.09 -19.11 -1.87
C HIS B 19 -16.26 -19.79 -0.81
N ASP B 26 -9.65 -13.24 9.02
CA ASP B 26 -9.20 -13.08 7.62
C ASP B 26 -9.38 -11.72 7.04
N SER B 27 -8.25 -11.11 6.71
CA SER B 27 -8.17 -9.74 6.28
C SER B 27 -8.52 -9.47 4.85
N GLY B 28 -8.44 -10.46 3.99
CA GLY B 28 -8.79 -10.24 2.60
C GLY B 28 -9.87 -11.19 2.14
N LEU B 29 -10.75 -10.69 1.26
CA LEU B 29 -11.77 -11.52 0.62
C LEU B 29 -11.37 -11.66 -0.84
N ASP B 30 -10.99 -12.87 -1.23
CA ASP B 30 -10.66 -13.17 -2.64
C ASP B 30 -11.82 -12.87 -3.56
N LEU B 31 -11.53 -12.24 -4.70
CA LEU B 31 -12.52 -12.03 -5.74
C LEU B 31 -12.14 -12.88 -6.94
N PHE B 32 -13.16 -13.34 -7.66
CA PHE B 32 -12.96 -14.21 -8.80
C PHE B 32 -12.91 -13.47 -10.11
N ILE B 33 -12.11 -14.01 -11.03
CA ILE B 33 -12.27 -13.71 -12.46
C ILE B 33 -13.54 -14.45 -12.84
N VAL B 34 -14.42 -13.79 -13.53
CA VAL B 34 -15.75 -14.36 -13.77
C VAL B 34 -15.99 -14.82 -15.22
N LYS B 35 -15.04 -14.55 -16.09
CA LYS B 35 -15.12 -15.00 -17.47
C LYS B 35 -13.69 -15.20 -18.06
N ASP B 36 -13.50 -16.27 -18.80
CA ASP B 36 -12.28 -16.48 -19.53
C ASP B 36 -11.98 -15.28 -20.42
N GLU B 37 -10.73 -14.86 -20.47
CA GLU B 37 -10.36 -13.68 -21.21
C GLU B 37 -8.90 -13.76 -21.63
N VAL B 38 -8.58 -13.27 -22.81
CA VAL B 38 -7.19 -13.22 -23.26
C VAL B 38 -6.67 -11.79 -23.08
N LEU B 39 -5.58 -11.65 -22.33
CA LEU B 39 -4.93 -10.36 -22.19
C LEU B 39 -3.83 -10.25 -23.22
N LYS B 40 -3.84 -9.17 -23.99
CA LYS B 40 -2.81 -8.96 -25.00
C LYS B 40 -1.43 -8.81 -24.36
N PRO B 41 -0.37 -9.16 -25.10
CA PRO B 41 1.00 -8.90 -24.65
C PRO B 41 1.23 -7.43 -24.37
N LYS B 42 2.02 -7.14 -23.33
CA LYS B 42 2.45 -5.77 -23.02
C LYS B 42 1.27 -4.82 -23.05
N SER B 43 0.28 -5.10 -22.19
CA SER B 43 -1.00 -4.38 -22.21
C SER B 43 -1.51 -4.06 -20.82
N THR B 44 -2.47 -3.16 -20.76
CA THR B 44 -3.29 -2.93 -19.56
C THR B 44 -4.74 -3.23 -19.94
N THR B 45 -5.39 -4.08 -19.16
CA THR B 45 -6.76 -4.46 -19.43
C THR B 45 -7.61 -4.16 -18.21
N PHE B 46 -8.74 -3.47 -18.41
CA PHE B 46 -9.70 -3.26 -17.33
C PHE B 46 -10.59 -4.49 -17.25
N VAL B 47 -10.31 -5.36 -16.32
CA VAL B 47 -10.99 -6.62 -16.19
C VAL B 47 -12.16 -6.45 -15.22
N LYS B 48 -13.35 -6.71 -15.72
CA LYS B 48 -14.53 -6.53 -14.91
C LYS B 48 -14.84 -7.74 -14.06
N LEU B 49 -15.10 -7.50 -12.80
CA LEU B 49 -15.23 -8.58 -11.88
C LEU B 49 -16.69 -9.00 -11.57
N GLY B 50 -17.64 -8.33 -12.18
CA GLY B 50 -19.04 -8.82 -12.20
C GLY B 50 -19.79 -8.63 -10.89
N ILE B 51 -19.29 -7.73 -10.07
CA ILE B 51 -19.89 -7.38 -8.78
C ILE B 51 -19.84 -5.90 -8.49
N LYS B 52 -20.79 -5.44 -7.68
CA LYS B 52 -20.73 -4.14 -7.07
C LYS B 52 -20.71 -4.44 -5.58
N ALA B 53 -20.17 -3.51 -4.79
CA ALA B 53 -20.07 -3.74 -3.35
C ALA B 53 -19.98 -2.47 -2.55
N ILE B 54 -20.59 -2.48 -1.37
CA ILE B 54 -20.35 -1.43 -0.39
C ILE B 54 -19.80 -2.07 0.87
N ALA B 55 -19.01 -1.31 1.61
CA ALA B 55 -18.41 -1.82 2.83
C ALA B 55 -18.99 -1.05 3.98
N LEU B 56 -19.23 -1.76 5.09
CA LEU B 56 -19.79 -1.15 6.30
C LEU B 56 -18.90 -1.38 7.50
N GLN B 57 -18.68 -0.32 8.27
CA GLN B 57 -17.88 -0.35 9.50
C GLN B 57 -18.60 0.48 10.55
N TYR B 58 -18.22 0.34 11.81
CA TYR B 58 -18.73 1.24 12.83
C TYR B 58 -18.22 2.64 12.60
N LYS B 59 -19.07 3.62 12.85
CA LYS B 59 -18.68 5.02 12.77
C LYS B 59 -17.60 5.37 13.76
N SER B 60 -16.65 6.17 13.32
CA SER B 60 -15.64 6.70 14.20
C SER B 60 -15.60 8.21 14.13
N ASN B 61 -15.18 8.84 15.20
CA ASN B 61 -14.92 10.28 15.22
C ASN B 61 -13.55 10.51 14.55
N TYR B 62 -13.55 11.29 13.48
CA TYR B 62 -12.31 11.62 12.79
C TYR B 62 -12.13 13.12 12.75
N TYR B 63 -10.88 13.57 12.68
CA TYR B 63 -10.58 14.99 12.61
C TYR B 63 -10.73 15.54 11.19
N TYR B 64 -11.52 16.57 11.00
CA TYR B 64 -11.83 17.12 9.70
C TYR B 64 -12.14 18.59 9.82
N LYS B 65 -11.72 19.36 8.83
CA LYS B 65 -11.73 20.81 8.84
C LYS B 65 -11.16 21.40 10.09
N ASN B 80 -23.36 2.50 15.82
CA ASN B 80 -23.92 2.87 14.52
C ASN B 80 -22.95 2.61 13.37
N ILE B 81 -23.51 2.42 12.19
CA ILE B 81 -22.77 1.89 11.04
C ILE B 81 -22.77 2.87 9.88
N VAL B 82 -21.64 2.91 9.16
CA VAL B 82 -21.51 3.78 7.98
C VAL B 82 -20.83 3.02 6.86
N ASN B 83 -21.18 3.36 5.63
CA ASN B 83 -20.46 2.80 4.50
C ASN B 83 -19.13 3.54 4.40
N THR B 84 -18.09 2.77 4.11
CA THR B 84 -16.74 3.32 4.18
CA THR B 84 -16.73 3.26 4.22
C THR B 84 -15.99 2.97 2.91
N SER B 85 -14.86 3.64 2.70
CA SER B 85 -13.99 3.29 1.61
C SER B 85 -13.30 1.97 1.91
N PHE B 86 -12.85 1.27 0.87
CA PHE B 86 -12.12 0.03 1.05
C PHE B 86 -11.10 -0.15 -0.08
N LEU B 87 -10.32 -1.22 0.00
CA LEU B 87 -9.14 -1.42 -0.88
C LEU B 87 -9.21 -2.69 -1.72
N LEU B 88 -8.61 -2.62 -2.91
CA LEU B 88 -8.44 -3.77 -3.77
C LEU B 88 -6.95 -4.08 -3.85
N PHE B 89 -6.54 -5.18 -3.22
CA PHE B 89 -5.14 -5.64 -3.19
C PHE B 89 -4.94 -6.75 -4.20
N PRO B 90 -3.75 -6.82 -4.82
CA PRO B 90 -3.39 -8.09 -5.42
C PRO B 90 -3.31 -9.21 -4.40
N ARG B 91 -3.66 -10.42 -4.81
CA ARG B 91 -3.26 -11.60 -4.03
C ARG B 91 -1.77 -11.86 -4.18
N SER B 92 -1.13 -12.38 -3.14
CA SER B 92 0.30 -12.66 -3.20
C SER B 92 0.62 -13.58 -4.37
N SER B 93 -0.30 -14.48 -4.69
CA SER B 93 -0.07 -15.43 -5.79
C SER B 93 -0.07 -14.79 -7.18
N ILE B 94 -0.50 -13.53 -7.31
CA ILE B 94 -0.35 -12.85 -8.61
C ILE B 94 1.11 -12.83 -9.04
N SER B 95 2.02 -12.90 -8.05
CA SER B 95 3.46 -12.79 -8.29
CA SER B 95 3.45 -12.79 -8.31
C SER B 95 3.97 -13.90 -9.20
N LYS B 96 3.27 -15.04 -9.19
CA LYS B 96 3.65 -16.23 -9.99
C LYS B 96 3.20 -16.12 -11.45
N THR B 97 2.45 -15.07 -11.77
CA THR B 97 1.98 -14.76 -13.12
C THR B 97 2.77 -13.55 -13.66
N PRO B 98 2.61 -13.21 -14.96
CA PRO B 98 3.18 -11.96 -15.42
C PRO B 98 2.26 -10.76 -15.23
N LEU B 99 1.16 -10.93 -14.50
CA LEU B 99 0.17 -9.86 -14.34
C LEU B 99 0.44 -9.05 -13.09
N ARG B 100 0.26 -7.74 -13.21
CA ARG B 100 0.53 -6.80 -12.10
C ARG B 100 -0.59 -5.79 -12.04
N LEU B 101 -0.98 -5.38 -10.83
CA LEU B 101 -2.06 -4.41 -10.71
C LEU B 101 -1.55 -3.00 -11.03
N ALA B 102 -2.13 -2.39 -12.05
CA ALA B 102 -1.58 -1.18 -12.66
C ALA B 102 -1.53 -0.02 -11.67
N ASN B 103 -2.60 0.13 -10.90
CA ASN B 103 -2.68 1.22 -9.93
C ASN B 103 -2.18 0.86 -8.51
N SER B 104 -1.44 -0.25 -8.42
CA SER B 104 -0.77 -0.75 -7.18
C SER B 104 -1.78 -1.35 -6.20
N ILE B 105 -2.59 -0.48 -5.62
CA ILE B 105 -3.69 -0.86 -4.74
C ILE B 105 -4.86 -0.01 -5.16
N GLY B 106 -6.02 -0.62 -5.39
CA GLY B 106 -7.20 0.13 -5.77
C GLY B 106 -7.89 0.74 -4.57
N LEU B 107 -8.35 1.99 -4.72
CA LEU B 107 -9.11 2.65 -3.66
C LEU B 107 -10.55 2.77 -4.14
N ILE B 108 -11.45 2.11 -3.42
CA ILE B 108 -12.86 2.19 -3.78
C ILE B 108 -13.48 3.17 -2.77
N ASP B 109 -13.86 4.37 -3.20
CA ASP B 109 -14.41 5.37 -2.27
CA ASP B 109 -14.41 5.38 -2.27
C ASP B 109 -15.77 4.96 -1.75
N ALA B 110 -16.11 5.43 -0.55
CA ALA B 110 -17.42 5.15 0.08
C ALA B 110 -18.61 5.42 -0.85
N GLY B 111 -18.51 6.43 -1.70
CA GLY B 111 -19.58 6.80 -2.63
C GLY B 111 -19.74 5.96 -3.90
N TYR B 112 -18.81 5.05 -4.17
CA TYR B 112 -18.82 4.29 -5.43
C TYR B 112 -19.92 3.23 -5.49
N ARG B 113 -20.66 3.22 -6.60
CA ARG B 113 -21.77 2.28 -6.82
C ARG B 113 -21.62 1.44 -8.11
N GLY B 114 -20.47 1.56 -8.76
CA GLY B 114 -20.24 0.83 -10.00
C GLY B 114 -19.65 -0.55 -9.84
N GLU B 115 -19.42 -1.21 -10.98
CA GLU B 115 -18.81 -2.52 -10.99
C GLU B 115 -17.35 -2.39 -10.56
N ILE B 116 -16.86 -3.39 -9.85
CA ILE B 116 -15.46 -3.38 -9.40
C ILE B 116 -14.60 -3.91 -10.55
N ILE B 117 -13.52 -3.20 -10.85
CA ILE B 117 -12.66 -3.55 -11.97
C ILE B 117 -11.22 -3.70 -11.47
N ALA B 118 -10.50 -4.69 -11.99
CA ALA B 118 -9.05 -4.80 -11.77
C ALA B 118 -8.32 -4.38 -13.04
N ALA B 119 -7.46 -3.37 -12.94
CA ALA B 119 -6.66 -2.91 -14.07
C ALA B 119 -5.39 -3.73 -14.04
N LEU B 120 -5.28 -4.70 -14.94
CA LEU B 120 -4.18 -5.65 -14.94
C LEU B 120 -3.23 -5.38 -16.08
N ASP B 121 -1.97 -5.15 -15.72
CA ASP B 121 -0.89 -5.08 -16.69
C ASP B 121 -0.38 -6.48 -16.99
N ASN B 122 -0.38 -6.84 -18.28
CA ASN B 122 0.27 -8.04 -18.69
C ASN B 122 1.69 -7.71 -19.14
N THR B 123 2.68 -8.06 -18.31
CA THR B 123 4.06 -7.66 -18.57
C THR B 123 4.75 -8.62 -19.53
N SER B 124 4.08 -9.72 -19.86
CA SER B 124 4.61 -10.71 -20.82
C SER B 124 4.65 -10.20 -22.27
N ASP B 125 5.65 -10.72 -23.01
CA ASP B 125 5.69 -10.45 -24.45
CA ASP B 125 5.82 -10.62 -24.48
C ASP B 125 4.72 -11.34 -25.22
N GLN B 126 4.05 -12.24 -24.51
CA GLN B 126 3.00 -13.07 -25.11
C GLN B 126 1.67 -12.82 -24.43
N GLU B 127 0.58 -13.19 -25.10
CA GLU B 127 -0.73 -13.10 -24.49
C GLU B 127 -0.83 -14.00 -23.27
N TYR B 128 -1.72 -13.62 -22.36
CA TYR B 128 -1.94 -14.39 -21.14
C TYR B 128 -3.43 -14.65 -20.97
N HIS B 129 -3.76 -15.92 -20.71
CA HIS B 129 -5.13 -16.37 -20.57
C HIS B 129 -5.55 -16.44 -19.10
N ILE B 130 -6.48 -15.57 -18.70
CA ILE B 130 -7.09 -15.71 -17.38
C ILE B 130 -8.39 -16.51 -17.53
N LYS B 131 -8.73 -17.26 -16.50
CA LYS B 131 -9.92 -18.12 -16.57
C LYS B 131 -10.90 -17.83 -15.48
N LYS B 132 -12.19 -18.05 -15.78
CA LYS B 132 -13.21 -18.07 -14.74
C LYS B 132 -12.72 -18.91 -13.57
N ASN B 133 -12.91 -18.38 -12.36
CA ASN B 133 -12.53 -18.99 -11.07
C ASN B 133 -11.10 -18.68 -10.59
N ASP B 134 -10.29 -18.09 -11.48
CA ASP B 134 -8.98 -17.57 -11.09
C ASP B 134 -9.19 -16.52 -10.00
N LYS B 135 -8.25 -16.45 -9.06
CA LYS B 135 -8.32 -15.46 -7.99
C LYS B 135 -7.05 -14.64 -8.00
N LEU B 136 -7.14 -13.41 -8.49
CA LEU B 136 -5.95 -12.56 -8.64
C LEU B 136 -5.90 -11.39 -7.67
N VAL B 137 -7.07 -11.00 -7.16
CA VAL B 137 -7.19 -9.79 -6.33
C VAL B 137 -8.09 -10.09 -5.13
N GLN B 138 -8.08 -9.20 -4.16
CA GLN B 138 -8.86 -9.38 -2.94
C GLN B 138 -9.31 -8.02 -2.39
N LEU B 139 -10.47 -8.00 -1.72
CA LEU B 139 -10.93 -6.79 -1.03
C LEU B 139 -10.40 -6.79 0.39
N VAL B 140 -10.01 -5.62 0.88
CA VAL B 140 -9.35 -5.44 2.17
C VAL B 140 -9.90 -4.18 2.86
N SER B 141 -10.06 -4.23 4.18
CA SER B 141 -10.41 -3.04 4.96
C SER B 141 -9.18 -2.19 5.21
N PHE B 142 -9.37 -0.86 5.30
CA PHE B 142 -8.28 0.04 5.74
C PHE B 142 -7.65 -0.35 7.09
N THR B 143 -8.40 -0.99 7.97
CA THR B 143 -7.85 -1.35 9.28
C THR B 143 -7.29 -2.76 9.30
N GLY B 144 -7.48 -3.52 8.21
CA GLY B 144 -7.06 -4.92 8.19
C GLY B 144 -7.92 -5.84 9.04
N GLU B 145 -9.07 -5.32 9.47
CA GLU B 145 -9.98 -6.08 10.31
C GLU B 145 -10.62 -7.20 9.53
N PRO B 146 -11.07 -8.26 10.24
CA PRO B 146 -11.74 -9.37 9.57
C PRO B 146 -12.93 -8.91 8.73
N LEU B 147 -13.16 -9.61 7.62
CA LEU B 147 -14.20 -9.27 6.68
CA LEU B 147 -14.20 -9.27 6.68
C LEU B 147 -15.29 -10.33 6.68
N SER B 148 -16.53 -9.88 6.60
CA SER B 148 -17.68 -10.73 6.35
C SER B 148 -18.38 -10.15 5.14
N PHE B 149 -19.22 -10.95 4.48
CA PHE B 149 -20.01 -10.45 3.37
C PHE B 149 -21.35 -11.16 3.25
N GLU B 150 -22.31 -10.49 2.62
CA GLU B 150 -23.57 -11.10 2.22
C GLU B 150 -23.88 -10.66 0.79
N LEU B 151 -24.68 -11.45 0.09
CA LEU B 151 -25.12 -11.11 -1.26
C LEU B 151 -26.48 -10.42 -1.22
N VAL B 152 -26.61 -9.30 -1.93
CA VAL B 152 -27.83 -8.50 -1.95
C VAL B 152 -28.27 -8.19 -3.39
N GLU B 153 -29.52 -7.79 -3.57
CA GLU B 153 -30.01 -7.44 -4.90
C GLU B 153 -29.72 -6.00 -5.23
N GLU B 154 -29.54 -5.17 -4.23
CA GLU B 154 -29.41 -3.76 -4.45
C GLU B 154 -28.51 -3.13 -3.41
N LEU B 155 -27.69 -2.18 -3.78
CA LEU B 155 -26.97 -1.44 -2.79
C LEU B 155 -27.88 -0.31 -2.28
N MET C 1 -9.19 13.12 8.64
N MET C 1 -9.29 13.18 8.56
CA MET C 1 -7.77 13.55 8.61
CA MET C 1 -7.87 13.59 8.66
C MET C 1 -7.69 14.94 7.99
C MET C 1 -7.67 14.93 7.97
N HIS C 2 -6.87 15.82 8.56
CA HIS C 2 -6.74 17.17 8.06
C HIS C 2 -5.29 17.44 7.69
N LEU C 3 -5.08 17.87 6.45
CA LEU C 3 -3.75 18.21 5.93
C LEU C 3 -3.47 19.71 5.97
N LYS C 4 -2.33 20.06 6.54
CA LYS C 4 -1.79 21.41 6.38
C LYS C 4 -0.72 21.38 5.30
N ILE C 5 -0.99 22.08 4.22
CA ILE C 5 -0.15 22.05 3.02
C ILE C 5 0.56 23.38 2.82
N VAL C 6 1.88 23.30 2.65
CA VAL C 6 2.69 24.44 2.24
C VAL C 6 2.95 24.31 0.75
N CYS C 7 2.46 25.30 -0.02
CA CYS C 7 2.75 25.39 -1.44
C CYS C 7 4.07 26.10 -1.65
N LEU C 8 4.93 25.52 -2.49
CA LEU C 8 6.32 25.99 -2.63
C LEU C 8 6.51 27.10 -3.68
N SER C 9 5.43 27.45 -4.37
CA SER C 9 5.44 28.63 -5.25
C SER C 9 4.04 29.21 -5.34
N ASP C 10 3.94 30.43 -5.85
CA ASP C 10 2.63 31.03 -6.05
C ASP C 10 1.82 30.27 -7.10
N GLU C 11 2.49 29.73 -8.10
CA GLU C 11 1.83 28.97 -9.16
C GLU C 11 1.11 27.77 -8.54
N VAL C 12 1.78 27.10 -7.61
CA VAL C 12 1.20 25.95 -6.92
C VAL C 12 0.08 26.39 -5.97
N ARG C 13 0.26 27.49 -5.26
CA ARG C 13 -0.77 28.06 -4.39
CA ARG C 13 -0.76 28.05 -4.40
C ARG C 13 -2.05 28.30 -5.23
N GLU C 14 -1.93 28.83 -6.44
CA GLU C 14 -3.05 29.11 -7.31
C GLU C 14 -3.79 27.84 -7.61
N MET C 15 -3.05 26.76 -7.84
CA MET C 15 -3.69 25.49 -8.11
CA MET C 15 -3.69 25.50 -8.11
C MET C 15 -4.51 25.00 -6.93
N TYR C 16 -3.97 25.04 -5.72
CA TYR C 16 -4.65 24.44 -4.57
C TYR C 16 -5.76 25.30 -3.99
N LYS C 17 -5.69 26.61 -4.23
CA LYS C 17 -6.80 27.49 -3.86
C LYS C 17 -8.05 27.17 -4.69
N ASN C 18 -7.84 26.73 -5.93
CA ASN C 18 -8.94 26.39 -6.84
CA ASN C 18 -8.92 26.40 -6.86
C ASN C 18 -8.97 24.90 -7.17
N HIS C 19 -8.94 24.06 -6.13
CA HIS C 19 -8.78 22.62 -6.36
C HIS C 19 -9.70 22.00 -7.46
N LYS C 20 -11.01 21.94 -7.20
CA LYS C 20 -12.04 21.48 -8.17
C LYS C 20 -12.34 19.97 -8.20
N THR C 21 -11.41 19.16 -7.69
CA THR C 21 -11.57 17.71 -7.69
C THR C 21 -11.97 17.16 -6.32
N HIS C 22 -11.65 17.91 -5.26
CA HIS C 22 -11.83 17.44 -3.89
C HIS C 22 -13.30 17.22 -3.49
N GLY C 25 -16.13 14.73 1.75
CA GLY C 25 -16.22 13.33 2.15
C GLY C 25 -15.26 12.37 1.47
N ASP C 26 -14.42 12.87 0.56
CA ASP C 26 -13.53 12.00 -0.24
C ASP C 26 -12.39 11.41 0.60
N SER C 27 -12.07 10.14 0.33
CA SER C 27 -10.95 9.43 0.97
C SER C 27 -9.57 9.82 0.41
N GLY C 28 -9.52 10.26 -0.83
CA GLY C 28 -8.26 10.66 -1.44
C GLY C 28 -8.27 12.13 -1.80
N LEU C 29 -7.17 12.82 -1.55
CA LEU C 29 -7.01 14.20 -2.05
C LEU C 29 -6.07 14.16 -3.26
N ASP C 30 -6.58 14.47 -4.45
CA ASP C 30 -5.74 14.47 -5.66
C ASP C 30 -4.65 15.52 -5.54
N LEU C 31 -3.43 15.16 -5.96
CA LEU C 31 -2.32 16.10 -6.01
C LEU C 31 -2.01 16.38 -7.47
N PHE C 32 -1.61 17.62 -7.76
CA PHE C 32 -1.32 18.04 -9.13
C PHE C 32 0.12 17.85 -9.54
N ILE C 33 0.34 17.50 -10.80
CA ILE C 33 1.59 17.79 -11.47
C ILE C 33 1.67 19.32 -11.60
N VAL C 34 2.80 19.90 -11.23
CA VAL C 34 2.87 21.36 -11.10
C VAL C 34 3.68 22.09 -12.17
N LYS C 35 4.39 21.33 -12.99
CA LYS C 35 5.05 21.88 -14.18
C LYS C 35 5.14 20.84 -15.27
N ASP C 36 5.04 21.29 -16.52
CA ASP C 36 5.22 20.40 -17.65
C ASP C 36 6.62 19.80 -17.54
N GLU C 37 6.71 18.51 -17.80
CA GLU C 37 7.96 17.80 -17.69
C GLU C 37 7.96 16.62 -18.68
N VAL C 38 9.12 16.29 -19.24
CA VAL C 38 9.22 15.15 -20.12
C VAL C 38 9.92 14.02 -19.39
N LEU C 39 9.27 12.88 -19.31
CA LEU C 39 9.85 11.71 -18.71
C LEU C 39 10.51 10.84 -19.78
N LYS C 40 11.76 10.49 -19.59
CA LYS C 40 12.46 9.71 -20.57
C LYS C 40 11.87 8.33 -20.67
N PRO C 41 12.05 7.69 -21.80
CA PRO C 41 11.56 6.34 -21.97
C PRO C 41 12.24 5.41 -20.98
N LYS C 42 11.56 4.37 -20.53
CA LYS C 42 12.13 3.32 -19.67
C LYS C 42 12.95 3.94 -18.54
N SER C 43 12.29 4.77 -17.74
CA SER C 43 12.97 5.57 -16.72
C SER C 43 12.18 5.60 -15.44
N THR C 44 12.85 6.00 -14.36
CA THR C 44 12.17 6.33 -13.13
C THR C 44 12.54 7.78 -12.90
N THR C 45 11.53 8.61 -12.70
CA THR C 45 11.72 10.04 -12.47
C THR C 45 11.15 10.42 -11.14
N PHE C 46 11.94 11.14 -10.32
CA PHE C 46 11.43 11.61 -9.05
C PHE C 46 10.74 12.94 -9.32
N VAL C 47 9.40 12.92 -9.44
CA VAL C 47 8.66 14.11 -9.86
C VAL C 47 8.29 14.90 -8.61
N LYS C 48 8.73 16.17 -8.56
CA LYS C 48 8.47 16.99 -7.40
C LYS C 48 7.09 17.62 -7.47
N LEU C 49 6.31 17.49 -6.40
CA LEU C 49 4.91 17.91 -6.42
C LEU C 49 4.68 19.33 -5.91
N GLY C 50 5.76 20.01 -5.52
CA GLY C 50 5.68 21.44 -5.19
C GLY C 50 4.99 21.77 -3.89
N ILE C 51 4.81 20.76 -3.04
CA ILE C 51 4.16 20.92 -1.71
C ILE C 51 4.89 20.17 -0.61
N LYS C 52 4.76 20.69 0.61
CA LYS C 52 5.06 19.95 1.82
C LYS C 52 3.76 19.84 2.61
N ALA C 53 3.61 18.79 3.41
CA ALA C 53 2.34 18.59 4.11
C ALA C 53 2.47 17.80 5.39
N ILE C 54 1.73 18.21 6.42
CA ILE C 54 1.61 17.40 7.61
C ILE C 54 0.16 16.98 7.70
N ALA C 55 -0.06 15.78 8.22
CA ALA C 55 -1.39 15.24 8.41
C ALA C 55 -1.72 15.25 9.90
N LEU C 56 -2.94 15.64 10.21
CA LEU C 56 -3.42 15.69 11.59
C LEU C 56 -4.62 14.78 11.80
N GLN C 57 -4.58 14.00 12.87
CA GLN C 57 -5.70 13.13 13.28
C GLN C 57 -5.87 13.21 14.80
N TYR C 58 -7.02 12.73 15.28
CA TYR C 58 -7.20 12.57 16.72
C TYR C 58 -6.24 11.51 17.21
N LYS C 59 -5.63 11.77 18.37
CA LYS C 59 -4.75 10.82 19.00
C LYS C 59 -5.53 9.56 19.32
N SER C 60 -4.89 8.42 19.05
CA SER C 60 -5.45 7.13 19.41
CA SER C 60 -5.44 7.12 19.37
C SER C 60 -4.40 6.38 20.22
N ASN C 61 -4.85 5.50 21.10
CA ASN C 61 -3.93 4.67 21.88
CA ASN C 61 -3.93 4.68 21.87
C ASN C 61 -3.46 3.48 21.04
N TYR C 62 -2.16 3.25 21.04
CA TYR C 62 -1.60 2.13 20.28
C TYR C 62 -0.62 1.33 21.14
N TYR C 63 -0.51 0.04 20.84
CA TYR C 63 0.39 -0.84 21.58
C TYR C 63 1.83 -0.71 21.08
N TYR C 64 2.74 -0.36 22.00
CA TYR C 64 4.13 -0.07 21.67
C TYR C 64 4.97 -0.41 22.89
N LYS C 65 6.13 -1.04 22.66
CA LYS C 65 7.03 -1.41 23.77
C LYS C 65 8.33 -0.62 23.79
N ASN C 80 -8.15 15.99 21.10
CA ASN C 80 -6.71 16.26 21.04
C ASN C 80 -6.08 15.64 19.79
N ILE C 81 -5.27 16.43 19.12
CA ILE C 81 -4.87 16.12 17.75
C ILE C 81 -3.35 16.03 17.60
N VAL C 82 -2.90 15.10 16.76
CA VAL C 82 -1.46 14.84 16.61
C VAL C 82 -1.10 14.67 15.14
N ASN C 83 0.17 14.90 14.83
CA ASN C 83 0.73 14.57 13.52
C ASN C 83 0.66 13.08 13.32
N THR C 84 0.38 12.66 12.08
CA THR C 84 0.22 11.25 11.78
CA THR C 84 0.23 11.26 11.79
C THR C 84 0.87 10.94 10.45
N SER C 85 1.25 9.68 10.28
CA SER C 85 1.70 9.15 9.00
CA SER C 85 1.70 9.19 8.99
C SER C 85 0.55 9.15 7.99
N PHE C 86 0.88 9.19 6.70
CA PHE C 86 -0.18 9.10 5.68
C PHE C 86 0.40 8.50 4.42
N LEU C 87 -0.44 8.35 3.39
CA LEU C 87 -0.07 7.54 2.21
C LEU C 87 -0.21 8.31 0.91
N LEU C 88 0.67 7.96 -0.03
CA LEU C 88 0.61 8.46 -1.40
C LEU C 88 0.23 7.29 -2.32
N PHE C 89 -1.00 7.34 -2.85
CA PHE C 89 -1.53 6.31 -3.74
C PHE C 89 -1.51 6.80 -5.17
N PRO C 90 -1.31 5.89 -6.13
CA PRO C 90 -1.65 6.27 -7.50
C PRO C 90 -3.15 6.54 -7.60
N ARG C 91 -3.57 7.41 -8.51
CA ARG C 91 -4.98 7.50 -8.86
C ARG C 91 -5.34 6.34 -9.79
N SER C 92 -6.58 5.87 -9.75
CA SER C 92 -6.95 4.78 -10.65
C SER C 92 -6.68 5.12 -12.11
N SER C 93 -6.92 6.38 -12.48
CA SER C 93 -6.71 6.86 -13.86
C SER C 93 -5.25 6.76 -14.36
N ILE C 94 -4.29 6.58 -13.45
CA ILE C 94 -2.90 6.36 -13.90
C ILE C 94 -2.80 5.11 -14.77
N SER C 95 -3.73 4.18 -14.55
CA SER C 95 -3.72 2.92 -15.25
C SER C 95 -3.77 3.06 -16.77
N LYS C 96 -4.39 4.11 -17.25
CA LYS C 96 -4.52 4.26 -18.70
C LYS C 96 -3.24 4.77 -19.34
N THR C 97 -2.34 5.30 -18.54
CA THR C 97 -1.03 5.74 -18.98
C THR C 97 0.02 4.62 -18.83
N PRO C 98 1.23 4.82 -19.36
CA PRO C 98 2.32 3.88 -19.11
C PRO C 98 3.09 4.17 -17.83
N LEU C 99 2.59 5.12 -17.03
CA LEU C 99 3.30 5.52 -15.79
C LEU C 99 2.83 4.68 -14.59
N ARG C 100 3.79 4.24 -13.77
CA ARG C 100 3.48 3.39 -12.61
C ARG C 100 4.26 3.91 -11.41
N LEU C 101 3.67 3.81 -10.22
CA LEU C 101 4.38 4.33 -9.04
C LEU C 101 5.43 3.32 -8.59
N ALA C 102 6.70 3.73 -8.62
CA ALA C 102 7.83 2.80 -8.48
C ALA C 102 7.80 2.05 -7.15
N ASN C 103 7.42 2.76 -6.09
CA ASN C 103 7.42 2.17 -4.75
C ASN C 103 6.05 1.67 -4.30
N SER C 104 5.16 1.46 -5.27
CA SER C 104 3.78 0.92 -5.10
C SER C 104 2.84 1.91 -4.42
N ILE C 105 3.09 2.16 -3.13
CA ILE C 105 2.35 3.13 -2.31
C ILE C 105 3.40 3.84 -1.48
N GLY C 106 3.33 5.16 -1.41
CA GLY C 106 4.30 5.94 -0.67
C GLY C 106 3.87 6.06 0.78
N LEU C 107 4.85 5.95 1.67
CA LEU C 107 4.61 6.08 3.11
C LEU C 107 5.26 7.38 3.58
N ILE C 108 4.44 8.29 4.08
CA ILE C 108 4.96 9.56 4.58
C ILE C 108 4.83 9.54 6.10
N ASP C 109 5.95 9.50 6.83
CA ASP C 109 5.87 9.32 8.29
C ASP C 109 5.41 10.60 8.96
N ALA C 110 4.82 10.44 10.15
CA ALA C 110 4.34 11.55 10.98
C ALA C 110 5.38 12.63 11.06
N GLY C 111 4.97 13.84 10.77
CA GLY C 111 5.83 14.99 10.88
C GLY C 111 6.86 15.25 9.80
N TYR C 112 6.93 14.39 8.77
CA TYR C 112 7.91 14.53 7.67
C TYR C 112 7.77 15.93 7.02
N ARG C 113 8.89 16.61 6.80
CA ARG C 113 8.86 18.01 6.30
C ARG C 113 9.43 18.25 4.89
N GLY C 114 9.81 17.20 4.17
CA GLY C 114 10.39 17.40 2.84
C GLY C 114 9.29 17.60 1.80
N GLU C 115 9.68 18.05 0.62
CA GLU C 115 8.74 18.16 -0.52
C GLU C 115 8.25 16.78 -0.88
N ILE C 116 6.95 16.66 -1.16
CA ILE C 116 6.38 15.36 -1.51
C ILE C 116 6.77 15.03 -2.97
N ILE C 117 7.24 13.81 -3.21
CA ILE C 117 7.72 13.39 -4.51
C ILE C 117 6.97 12.14 -4.95
N ALA C 118 6.64 12.07 -6.24
CA ALA C 118 6.08 10.83 -6.81
C ALA C 118 7.15 10.20 -7.68
N ALA C 119 7.62 9.00 -7.32
CA ALA C 119 8.62 8.31 -8.16
C ALA C 119 7.87 7.53 -9.23
N LEU C 120 7.96 8.03 -10.46
CA LEU C 120 7.13 7.50 -11.54
C LEU C 120 7.97 6.73 -12.54
N ASP C 121 7.62 5.47 -12.75
CA ASP C 121 8.25 4.67 -13.81
C ASP C 121 7.53 4.97 -15.13
N ASN C 122 8.29 5.36 -16.16
CA ASN C 122 7.72 5.43 -17.50
C ASN C 122 8.04 4.10 -18.18
N THR C 123 7.04 3.24 -18.28
CA THR C 123 7.20 1.90 -18.84
C THR C 123 7.16 1.91 -20.38
N SER C 124 6.91 3.07 -20.96
CA SER C 124 6.89 3.22 -22.44
C SER C 124 8.31 3.29 -23.02
N ASP C 125 8.43 2.91 -24.29
CA ASP C 125 9.68 3.10 -25.03
CA ASP C 125 9.67 3.09 -25.05
C ASP C 125 9.76 4.50 -25.64
N GLN C 126 8.73 5.29 -25.40
CA GLN C 126 8.66 6.68 -25.84
C GLN C 126 8.74 7.64 -24.65
N GLU C 127 9.31 8.82 -24.86
CA GLU C 127 9.19 9.85 -23.84
C GLU C 127 7.73 10.16 -23.54
N TYR C 128 7.45 10.56 -22.29
CA TYR C 128 6.09 10.80 -21.85
C TYR C 128 5.98 12.21 -21.30
N HIS C 129 5.02 12.97 -21.83
CA HIS C 129 4.85 14.34 -21.40
C HIS C 129 3.83 14.43 -20.27
N ILE C 130 4.29 14.78 -19.08
CA ILE C 130 3.32 15.14 -18.05
C ILE C 130 3.11 16.65 -18.05
N LYS C 131 1.90 17.06 -17.70
CA LYS C 131 1.49 18.45 -17.84
C LYS C 131 1.03 19.05 -16.53
N LYS C 132 1.40 20.32 -16.32
CA LYS C 132 0.81 21.10 -15.22
C LYS C 132 -0.70 20.88 -15.20
N ASN C 133 -1.24 20.60 -14.02
CA ASN C 133 -2.67 20.26 -13.81
C ASN C 133 -3.04 18.78 -13.96
N ASP C 134 -2.14 17.97 -14.52
CA ASP C 134 -2.38 16.51 -14.53
C ASP C 134 -2.52 16.03 -13.09
N LYS C 135 -3.35 15.01 -12.88
CA LYS C 135 -3.52 14.39 -11.56
C LYS C 135 -3.23 12.91 -11.65
N LEU C 136 -2.13 12.49 -11.04
CA LEU C 136 -1.66 11.10 -11.18
C LEU C 136 -1.68 10.36 -9.86
N VAL C 137 -1.62 11.12 -8.76
CA VAL C 137 -1.50 10.54 -7.42
C VAL C 137 -2.41 11.28 -6.45
N GLN C 138 -2.60 10.69 -5.28
CA GLN C 138 -3.51 11.26 -4.29
C GLN C 138 -3.00 10.93 -2.90
N LEU C 139 -3.28 11.80 -1.92
CA LEU C 139 -2.97 11.51 -0.52
C LEU C 139 -4.17 10.82 0.15
N VAL C 140 -3.89 9.87 1.02
CA VAL C 140 -4.92 9.02 1.63
C VAL C 140 -4.53 8.83 3.09
N SER C 141 -5.53 8.79 3.97
CA SER C 141 -5.34 8.41 5.38
C SER C 141 -5.21 6.89 5.54
N PHE C 142 -4.39 6.45 6.50
CA PHE C 142 -4.36 5.03 6.89
C PHE C 142 -5.72 4.43 7.28
N THR C 143 -6.65 5.25 7.75
CA THR C 143 -7.99 4.77 8.09
C THR C 143 -8.99 4.85 6.94
N GLY C 144 -8.60 5.54 5.87
CA GLY C 144 -9.51 5.78 4.73
C GLY C 144 -10.60 6.81 5.01
N GLU C 145 -10.48 7.51 6.14
CA GLU C 145 -11.45 8.53 6.53
C GLU C 145 -11.40 9.74 5.59
N PRO C 146 -12.50 10.51 5.52
CA PRO C 146 -12.51 11.74 4.72
C PRO C 146 -11.34 12.68 5.05
N LEU C 147 -10.83 13.36 4.02
CA LEU C 147 -9.75 14.32 4.17
C LEU C 147 -10.22 15.75 3.95
N SER C 148 -9.76 16.65 4.82
CA SER C 148 -9.82 18.08 4.57
C SER C 148 -8.40 18.64 4.46
N PHE C 149 -8.27 19.84 3.92
CA PHE C 149 -6.97 20.49 3.90
C PHE C 149 -7.07 22.01 4.00
N GLU C 150 -5.98 22.63 4.42
CA GLU C 150 -5.85 24.09 4.39
C GLU C 150 -4.43 24.42 3.95
N LEU C 151 -4.28 25.60 3.35
CA LEU C 151 -2.97 26.07 2.94
C LEU C 151 -2.35 26.90 4.07
N VAL C 152 -1.10 26.60 4.37
CA VAL C 152 -0.34 27.32 5.41
C VAL C 152 1.02 27.74 4.86
N GLU C 153 1.68 28.67 5.56
CA GLU C 153 2.95 29.19 5.09
C GLU C 153 4.14 28.39 5.61
N GLU C 154 3.93 27.70 6.73
CA GLU C 154 4.99 26.87 7.30
C GLU C 154 4.39 25.70 8.05
N LEU C 155 5.19 24.64 8.20
CA LEU C 155 4.76 23.48 8.97
C LEU C 155 5.17 23.57 10.41
N ASP C 156 6.32 24.22 10.65
CA ASP C 156 6.87 24.47 11.98
C ASP C 156 7.92 25.58 11.88
N GLU C 157 8.68 25.77 12.96
CA GLU C 157 9.63 26.88 13.04
C GLU C 157 10.97 26.61 12.33
N THR C 158 11.15 25.39 11.82
CA THR C 158 12.42 25.02 11.21
C THR C 158 12.48 25.42 9.75
N SER C 159 13.70 25.62 9.25
CA SER C 159 13.90 25.99 7.87
C SER C 159 13.36 24.93 6.92
N ARG C 160 13.50 23.66 7.31
CA ARG C 160 12.93 22.58 6.49
C ARG C 160 11.39 22.60 6.53
N GLY C 161 10.82 23.04 7.64
CA GLY C 161 9.39 23.31 7.73
C GLY C 161 8.93 24.59 7.04
N GLU C 162 9.86 25.31 6.40
CA GLU C 162 9.61 26.60 5.72
C GLU C 162 9.30 27.75 6.67
N GLY C 163 9.56 27.55 7.95
CA GLY C 163 9.26 28.55 8.95
C GLY C 163 10.46 29.24 9.57
N GLY C 164 10.19 30.01 10.63
CA GLY C 164 11.23 30.69 11.39
C GLY C 164 11.90 31.85 10.68
N PHE C 165 12.93 32.39 11.34
CA PHE C 165 13.67 33.57 10.88
C PHE C 165 14.35 33.32 9.54
N GLY C 166 14.26 34.32 8.66
CA GLY C 166 14.70 34.16 7.27
C GLY C 166 16.18 34.43 7.15
N SER C 167 16.54 35.72 7.08
CA SER C 167 17.93 36.14 6.88
C SER C 167 17.98 37.67 7.02
N ALA D 1 11.06 -13.25 -18.45
CA ALA D 1 9.61 -13.03 -18.15
C ALA D 1 9.33 -13.11 -16.64
N HIS D 2 8.36 -12.32 -16.19
CA HIS D 2 7.96 -12.28 -14.78
C HIS D 2 7.06 -13.48 -14.43
N ALA D 3 7.06 -13.85 -13.14
CA ALA D 3 6.24 -14.97 -12.67
C ALA D 3 7.06 -16.20 -12.29
#